data_9LJV
#
_entry.id   9LJV
#
_cell.length_a   140.493
_cell.length_b   140.493
_cell.length_c   92.683
_cell.angle_alpha   90.00
_cell.angle_beta   90.00
_cell.angle_gamma   120.00
#
_symmetry.space_group_name_H-M   'P 65'
#
loop_
_entity.id
_entity.type
_entity.pdbx_description
1 polymer 'RNA-directed RNA polymerase'
2 polymer "RNA (5'-R(P*CP*GP*U)-3')"
3 non-polymer "CYTIDINE-5'-MONOPHOSPHATE"
4 non-polymer 'MANGANESE (II) ION'
5 non-polymer 'FLAVIN-ADENINE DINUCLEOTIDE'
6 water water
#
loop_
_entity_poly.entity_id
_entity_poly.type
_entity_poly.pdbx_seq_one_letter_code
_entity_poly.pdbx_strand_id
1 'polypeptide(L)'
;SSMSYSWTGALITPCGPEEEKLPINPLSNSLLRYHNKVYCTTSKSASQRAKKVTFDRTQVLDAHYDSVLKDIKLAASKVS
ARLLTLQQACQLTPPHSARSKYGFGAKEVRSLSGRAVNHIKSVWKDLLEDPQTPIPTTIMAKNEVFCVDPAKGGKKPARL
IVYPDLGVRVCEKMALYDITQKLPQAVMGASYGFQYSPAQRVEYLLKAWAEKKDPMGFSYDTRHFDSTVTERDIRTEESI
YQACSLPEEARTAIHSLTERLYVGGPMFNSKGQTCGYRRCRASGVLTTSMGNTITCYVKALAACKAAGIVAPTMLVCGDD
LIVISESQGTEEDERNLRAFTEAMTRYSAPPGDPPRPEYDLELITSCSSNVSVALGPRGRRRYYLTRDPTTPLARAAWET
VRHSPINSWLGNIIQYAPTIWVRMVLMTHFFSILMVQDTLDQNLNFEMYGSVYSVNPLDLPAIIERLHGLDAFSMHTYSH
HELTRVASALRKLGAPPLRVWKSRARAVRASLISRGGKAAVCGRYLFNWAVKTKLKLTPLPEARLLDLSSWFTV
;
A
2 'polyribonucleotide' CGU B
#
loop_
_chem_comp.id
_chem_comp.type
_chem_comp.name
_chem_comp.formula
C RNA linking CYTIDINE-5'-MONOPHOSPHATE 'C9 H14 N3 O8 P'
C5P non-polymer CYTIDINE-5'-MONOPHOSPHATE 'C9 H14 N3 O8 P'
FAD non-polymer 'FLAVIN-ADENINE DINUCLEOTIDE' 'C27 H33 N9 O15 P2'
G RNA linking GUANOSINE-5'-MONOPHOSPHATE 'C10 H14 N5 O8 P'
MN non-polymer 'MANGANESE (II) ION' 'Mn 2'
U RNA linking URIDINE-5'-MONOPHOSPHATE 'C9 H13 N2 O9 P'
#
# COMPACT_ATOMS: atom_id res chain seq x y z
N SER A 1 10.60 0.73 28.81
CA SER A 1 10.30 2.15 29.02
C SER A 1 8.82 2.48 28.81
N SER A 2 8.40 2.73 27.55
CA SER A 2 7.08 3.27 27.26
C SER A 2 6.13 2.23 26.69
N MET A 3 4.87 2.29 27.14
CA MET A 3 3.81 1.50 26.55
C MET A 3 3.26 2.16 25.29
N SER A 4 3.02 1.33 24.26
CA SER A 4 2.49 1.84 23.01
C SER A 4 1.15 2.53 23.20
N TYR A 5 0.28 1.95 24.03
CA TYR A 5 -1.03 2.52 24.32
C TYR A 5 -1.39 2.24 25.77
N SER A 6 -2.44 2.93 26.23
CA SER A 6 -3.15 2.63 27.46
C SER A 6 -4.64 2.87 27.20
N TRP A 7 -5.49 2.23 27.99
CA TRP A 7 -6.90 2.18 27.62
C TRP A 7 -7.80 2.43 28.82
N THR A 8 -8.85 3.20 28.59
CA THR A 8 -9.81 3.53 29.65
C THR A 8 -10.87 2.47 29.84
N GLY A 9 -11.05 1.58 28.87
CA GLY A 9 -12.12 0.62 28.90
C GLY A 9 -13.30 0.98 28.03
N ALA A 10 -13.36 2.23 27.54
CA ALA A 10 -14.41 2.61 26.60
C ALA A 10 -14.22 1.85 25.29
N LEU A 11 -15.34 1.55 24.64
CA LEU A 11 -15.31 0.81 23.39
C LEU A 11 -14.80 1.67 22.25
N ILE A 12 -14.12 1.00 21.31
CA ILE A 12 -13.82 1.58 20.01
C ILE A 12 -15.07 1.39 19.17
N THR A 13 -15.89 2.43 19.08
CA THR A 13 -17.24 2.35 18.57
C THR A 13 -17.26 2.58 17.07
N PRO A 14 -18.29 2.07 16.38
CA PRO A 14 -18.32 2.19 14.91
C PRO A 14 -18.48 3.63 14.45
N CYS A 15 -17.83 3.94 13.34
CA CYS A 15 -17.92 5.27 12.71
C CYS A 15 -19.05 5.22 11.69
N GLY A 16 -20.28 5.31 12.20
CA GLY A 16 -21.46 5.21 11.37
C GLY A 16 -22.02 3.80 11.26
N PRO A 17 -22.45 3.42 10.05
CA PRO A 17 -23.05 2.08 9.88
C PRO A 17 -22.07 1.09 9.25
N GLU A 18 -22.14 -0.17 9.67
CA GLU A 18 -21.26 -1.21 9.14
C GLU A 18 -22.09 -2.20 8.32
N GLU A 19 -21.72 -2.35 7.05
CA GLU A 19 -22.56 -2.96 6.03
C GLU A 19 -22.80 -4.45 6.31
N GLU A 20 -23.99 -4.91 5.95
CA GLU A 20 -24.32 -6.33 5.97
C GLU A 20 -24.14 -6.91 4.57
N LYS A 21 -23.65 -8.12 4.50
CA LYS A 21 -23.75 -8.87 3.25
C LYS A 21 -25.22 -9.20 2.99
N LEU A 22 -25.57 -9.27 1.74
CA LEU A 22 -26.93 -9.54 1.31
C LEU A 22 -27.05 -10.99 0.88
N PRO A 23 -28.26 -11.56 0.85
CA PRO A 23 -28.38 -12.98 0.48
C PRO A 23 -28.02 -13.30 -0.98
N ILE A 24 -28.01 -12.30 -1.85
CA ILE A 24 -27.59 -12.48 -3.24
C ILE A 24 -26.50 -11.47 -3.54
N ASN A 25 -25.45 -11.91 -4.22
CA ASN A 25 -24.36 -11.08 -4.68
C ASN A 25 -24.37 -11.09 -6.20
N PRO A 26 -25.20 -10.25 -6.84
CA PRO A 26 -25.48 -10.45 -8.26
C PRO A 26 -24.29 -10.17 -9.18
N LEU A 27 -23.35 -9.33 -8.77
CA LEU A 27 -22.17 -9.02 -9.58
C LEU A 27 -21.05 -10.04 -9.46
N SER A 28 -21.04 -10.86 -8.40
CA SER A 28 -19.90 -11.76 -8.21
C SER A 28 -20.31 -13.19 -7.88
N ASN A 29 -21.60 -13.50 -7.83
CA ASN A 29 -21.96 -14.90 -7.60
C ASN A 29 -21.74 -15.76 -8.82
N SER A 30 -21.33 -15.19 -9.95
CA SER A 30 -20.81 -15.97 -11.06
C SER A 30 -19.28 -15.97 -11.09
N LEU A 31 -18.63 -15.24 -10.19
CA LEU A 31 -17.18 -15.28 -10.08
C LEU A 31 -16.72 -16.38 -9.12
N LEU A 32 -17.34 -16.49 -7.95
CA LEU A 32 -16.99 -17.52 -6.99
C LEU A 32 -18.22 -17.88 -6.17
N ARG A 33 -18.14 -19.02 -5.47
CA ARG A 33 -19.30 -19.53 -4.75
C ARG A 33 -19.22 -19.39 -3.23
N TYR A 34 -18.02 -19.34 -2.64
CA TYR A 34 -17.93 -19.39 -1.17
C TYR A 34 -17.94 -17.97 -0.61
N HIS A 35 -19.12 -17.35 -0.69
CA HIS A 35 -19.29 -16.01 -0.15
C HIS A 35 -19.32 -16.00 1.37
N ASN A 36 -19.65 -17.13 1.98
CA ASN A 36 -19.52 -17.29 3.43
C ASN A 36 -18.10 -16.97 3.90
N LYS A 37 -17.09 -17.25 3.08
CA LYS A 37 -15.71 -17.02 3.47
C LYS A 37 -15.25 -15.57 3.33
N VAL A 38 -16.01 -14.71 2.67
CA VAL A 38 -15.61 -13.33 2.43
C VAL A 38 -16.18 -12.48 3.55
N TYR A 39 -15.32 -11.77 4.29
CA TYR A 39 -15.80 -11.01 5.43
C TYR A 39 -15.10 -9.65 5.47
N CYS A 40 -15.74 -8.71 6.17
CA CYS A 40 -15.18 -7.39 6.40
C CYS A 40 -14.84 -7.19 7.88
N THR A 41 -13.65 -6.65 8.17
CA THR A 41 -13.28 -6.34 9.55
C THR A 41 -14.10 -5.15 10.04
N THR A 42 -14.50 -5.18 11.32
CA THR A 42 -15.36 -4.17 11.90
C THR A 42 -14.89 -3.82 13.31
N SER A 43 -15.55 -2.81 13.90
CA SER A 43 -15.26 -2.37 15.27
C SER A 43 -15.49 -3.49 16.28
N LYS A 44 -16.28 -4.50 15.93
CA LYS A 44 -16.53 -5.61 16.85
C LYS A 44 -15.24 -6.30 17.27
N SER A 45 -14.22 -6.28 16.42
CA SER A 45 -12.95 -6.93 16.73
C SER A 45 -11.89 -5.92 17.12
N ALA A 46 -12.26 -4.65 17.34
CA ALA A 46 -11.28 -3.62 17.60
C ALA A 46 -10.54 -3.89 18.91
N SER A 47 -11.25 -4.40 19.91
CA SER A 47 -10.61 -4.69 21.21
C SER A 47 -9.54 -5.78 21.10
N GLN A 48 -9.82 -6.84 20.33
CA GLN A 48 -8.81 -7.86 20.10
C GLN A 48 -7.55 -7.27 19.47
N ARG A 49 -7.73 -6.38 18.49
CA ARG A 49 -6.59 -5.69 17.90
C ARG A 49 -5.83 -4.90 18.96
N ALA A 50 -6.58 -4.13 19.77
CA ALA A 50 -5.98 -3.28 20.79
C ALA A 50 -5.06 -4.08 21.70
N LYS A 51 -5.55 -5.23 22.18
CA LYS A 51 -4.71 -6.11 23.01
C LYS A 51 -3.43 -6.49 22.27
N LYS A 52 -3.55 -6.88 21.01
CA LYS A 52 -2.42 -7.40 20.25
C LYS A 52 -1.31 -6.36 20.03
N VAL A 53 -1.63 -5.08 20.06
CA VAL A 53 -0.68 -4.03 19.71
C VAL A 53 -0.26 -3.22 20.92
N THR A 54 -0.78 -3.52 22.11
CA THR A 54 -0.42 -2.85 23.36
C THR A 54 0.72 -3.62 24.03
N PHE A 55 1.89 -3.02 24.06
CA PHE A 55 3.02 -3.70 24.68
C PHE A 55 4.06 -2.65 25.05
N ASP A 56 4.97 -3.05 25.94
CA ASP A 56 6.03 -2.16 26.40
C ASP A 56 7.19 -2.22 25.41
N ARG A 57 7.60 -1.06 24.90
CA ARG A 57 8.75 -0.99 24.02
C ARG A 57 9.98 -0.65 24.85
N THR A 58 11.07 -1.37 24.62
CA THR A 58 12.37 -1.01 25.14
C THR A 58 13.29 -0.96 23.95
N GLN A 59 13.95 0.17 23.76
CA GLN A 59 14.71 0.44 22.55
C GLN A 59 16.14 0.72 22.94
N VAL A 60 17.07 0.04 22.29
CA VAL A 60 18.49 0.19 22.57
C VAL A 60 19.17 0.43 21.23
N LEU A 61 19.73 1.62 21.06
CA LEU A 61 20.42 1.95 19.83
C LEU A 61 21.90 1.68 20.00
N ASP A 62 22.67 1.84 18.92
CA ASP A 62 24.09 1.53 18.94
C ASP A 62 24.78 2.37 17.88
N ALA A 63 26.09 2.18 17.75
CA ALA A 63 26.88 3.06 16.88
C ALA A 63 26.55 2.89 15.41
N HIS A 64 26.03 1.71 15.02
CA HIS A 64 25.65 1.55 13.63
C HIS A 64 24.45 2.44 13.32
N TYR A 65 23.45 2.41 14.20
CA TYR A 65 22.30 3.28 14.10
C TYR A 65 22.72 4.74 14.03
N ASP A 66 23.55 5.18 14.99
CA ASP A 66 24.00 6.57 15.02
C ASP A 66 24.68 6.96 13.72
N SER A 67 25.53 6.08 13.19
CA SER A 67 26.23 6.40 11.93
C SER A 67 25.25 6.52 10.77
N VAL A 68 24.24 5.65 10.72
CA VAL A 68 23.27 5.69 9.62
C VAL A 68 22.44 6.96 9.72
N LEU A 69 21.97 7.27 10.94
CA LEU A 69 21.19 8.49 11.18
C LEU A 69 21.96 9.74 10.76
N LYS A 70 23.26 9.77 11.02
CA LYS A 70 24.05 10.93 10.61
C LYS A 70 24.06 11.06 9.09
N ASP A 71 24.24 9.95 8.38
CA ASP A 71 24.26 10.02 6.91
C ASP A 71 22.89 10.41 6.37
N ILE A 72 21.83 10.08 7.08
CA ILE A 72 20.51 10.39 6.58
C ILE A 72 20.18 11.85 6.79
N LYS A 73 20.59 12.41 7.94
CA LYS A 73 20.41 13.85 8.16
C LYS A 73 21.22 14.66 7.15
N LEU A 74 22.46 14.26 6.89
CA LEU A 74 23.22 14.97 5.86
C LEU A 74 22.49 14.90 4.51
N ALA A 75 21.95 13.74 4.17
CA ALA A 75 21.19 13.61 2.93
C ALA A 75 19.98 14.53 2.94
N ALA A 76 19.29 14.60 4.09
CA ALA A 76 18.15 15.50 4.20
C ALA A 76 18.55 16.95 3.95
N SER A 77 19.74 17.35 4.42
CA SER A 77 20.12 18.76 4.37
C SER A 77 20.18 19.30 2.95
N LYS A 78 20.25 18.41 1.94
CA LYS A 78 20.22 18.85 0.55
C LYS A 78 18.84 19.27 0.08
N VAL A 79 17.79 19.08 0.89
CA VAL A 79 16.42 19.37 0.48
C VAL A 79 16.06 20.78 0.90
N SER A 80 15.52 21.55 -0.05
CA SER A 80 14.81 22.78 0.27
C SER A 80 13.31 22.52 0.13
N ALA A 81 12.55 22.84 1.16
CA ALA A 81 11.12 22.59 1.14
C ALA A 81 10.38 23.84 1.61
N ARG A 82 9.19 24.03 1.09
CA ARG A 82 8.42 25.24 1.36
C ARG A 82 7.13 24.90 2.06
N LEU A 83 6.60 25.90 2.76
CA LEU A 83 5.23 25.84 3.22
C LEU A 83 4.27 25.81 2.03
N LEU A 84 3.20 25.05 2.17
CA LEU A 84 2.07 25.22 1.27
C LEU A 84 1.23 26.36 1.84
N THR A 85 0.64 27.15 0.94
CA THR A 85 -0.32 28.13 1.43
C THR A 85 -1.48 27.38 2.05
N LEU A 86 -2.18 28.03 2.97
CA LEU A 86 -3.35 27.40 3.56
C LEU A 86 -4.31 26.94 2.47
N GLN A 87 -4.45 27.75 1.40
CA GLN A 87 -5.39 27.41 0.34
C GLN A 87 -4.94 26.20 -0.47
N GLN A 88 -3.64 26.15 -0.80
CA GLN A 88 -3.07 24.96 -1.45
C GLN A 88 -3.31 23.71 -0.62
N ALA A 89 -3.05 23.79 0.69
CA ALA A 89 -3.25 22.62 1.54
C ALA A 89 -4.72 22.24 1.61
N CYS A 90 -5.60 23.24 1.68
CA CYS A 90 -7.04 23.00 1.63
C CYS A 90 -7.43 22.17 0.41
N GLN A 91 -6.86 22.48 -0.74
CA GLN A 91 -7.29 21.88 -1.99
C GLN A 91 -6.67 20.51 -2.25
N LEU A 92 -5.80 20.02 -1.38
CA LEU A 92 -5.34 18.64 -1.44
C LEU A 92 -6.18 17.71 -0.58
N THR A 93 -7.20 18.22 0.09
CA THR A 93 -8.09 17.38 0.89
C THR A 93 -8.94 16.50 -0.02
N PRO A 94 -8.95 15.18 0.19
CA PRO A 94 -9.75 14.30 -0.67
C PRO A 94 -11.23 14.64 -0.55
N PRO A 95 -12.00 14.43 -1.62
CA PRO A 95 -13.38 14.95 -1.64
C PRO A 95 -14.29 14.36 -0.58
N HIS A 96 -14.00 13.20 -0.01
CA HIS A 96 -14.89 12.64 0.98
C HIS A 96 -14.23 12.53 2.35
N SER A 97 -13.13 13.25 2.55
CA SER A 97 -12.40 13.23 3.81
C SER A 97 -13.34 13.53 4.97
N ALA A 98 -13.08 12.90 6.11
CA ALA A 98 -13.99 13.01 7.25
C ALA A 98 -14.15 14.46 7.69
N ARG A 99 -15.39 14.88 7.88
CA ARG A 99 -15.69 16.27 8.19
C ARG A 99 -15.11 16.66 9.55
N SER A 100 -15.21 17.95 9.85
CA SER A 100 -14.68 18.53 11.07
C SER A 100 -15.74 18.62 12.15
N LYS A 101 -15.29 18.53 13.41
CA LYS A 101 -16.20 18.74 14.53
C LYS A 101 -16.80 20.15 14.48
N TYR A 102 -16.09 21.09 13.88
CA TYR A 102 -16.49 22.49 13.84
C TYR A 102 -17.38 22.83 12.63
N GLY A 103 -18.32 21.96 12.29
CA GLY A 103 -19.36 22.32 11.34
C GLY A 103 -18.91 22.65 9.93
N PHE A 104 -18.00 21.86 9.36
CA PHE A 104 -17.70 21.94 7.94
C PHE A 104 -16.95 20.67 7.54
N GLY A 105 -16.95 20.41 6.24
CA GLY A 105 -16.35 19.20 5.71
C GLY A 105 -15.45 19.42 4.51
N ALA A 106 -15.08 18.32 3.85
CA ALA A 106 -14.16 18.38 2.73
C ALA A 106 -14.65 19.31 1.63
N LYS A 107 -15.96 19.35 1.39
CA LYS A 107 -16.50 20.22 0.34
C LYS A 107 -16.16 21.68 0.61
N GLU A 108 -16.44 22.16 1.83
CA GLU A 108 -16.13 23.53 2.22
C GLU A 108 -14.63 23.80 2.13
N VAL A 109 -13.81 22.84 2.59
CA VAL A 109 -12.36 23.03 2.56
C VAL A 109 -11.89 23.17 1.13
N ARG A 110 -12.34 22.29 0.25
CA ARG A 110 -11.84 22.29 -1.14
C ARG A 110 -12.29 23.53 -1.89
N SER A 111 -13.39 24.15 -1.49
CA SER A 111 -13.89 25.34 -2.15
C SER A 111 -13.48 26.62 -1.44
N LEU A 112 -12.63 26.54 -0.40
CA LEU A 112 -12.13 27.72 0.32
C LEU A 112 -13.28 28.56 0.89
N SER A 113 -14.27 27.88 1.47
CA SER A 113 -15.32 28.56 2.21
C SER A 113 -14.75 29.44 3.29
N GLY A 114 -15.43 30.56 3.54
CA GLY A 114 -14.96 31.49 4.55
C GLY A 114 -14.88 30.86 5.92
N ARG A 115 -15.93 30.12 6.30
CA ARG A 115 -15.93 29.54 7.65
C ARG A 115 -14.78 28.57 7.82
N ALA A 116 -14.55 27.72 6.82
CA ALA A 116 -13.51 26.71 6.95
C ALA A 116 -12.14 27.34 6.93
N VAL A 117 -11.91 28.30 6.04
CA VAL A 117 -10.62 28.97 5.96
C VAL A 117 -10.30 29.67 7.27
N ASN A 118 -11.28 30.35 7.86
CA ASN A 118 -10.97 31.09 9.08
C ASN A 118 -10.66 30.13 10.21
N HIS A 119 -11.38 29.02 10.27
CA HIS A 119 -11.13 28.05 11.34
C HIS A 119 -9.72 27.49 11.23
N ILE A 120 -9.33 27.09 10.03
CA ILE A 120 -7.99 26.53 9.82
C ILE A 120 -6.93 27.58 10.15
N LYS A 121 -7.19 28.84 9.79
CA LYS A 121 -6.26 29.91 10.15
C LYS A 121 -6.00 29.93 11.65
N SER A 122 -7.06 29.80 12.44
CA SER A 122 -6.87 29.81 13.89
C SER A 122 -6.20 28.51 14.39
N VAL A 123 -6.42 27.38 13.71
CA VAL A 123 -5.72 26.15 14.08
C VAL A 123 -4.23 26.30 13.85
N TRP A 124 -3.85 26.98 12.76
CA TRP A 124 -2.44 27.16 12.46
C TRP A 124 -1.78 28.15 13.42
N LYS A 125 -2.48 29.22 13.79
CA LYS A 125 -1.90 30.17 14.73
C LYS A 125 -1.64 29.51 16.06
N ASP A 126 -2.60 28.69 16.53
CA ASP A 126 -2.44 27.96 17.77
C ASP A 126 -1.25 26.99 17.70
N LEU A 127 -0.95 26.47 16.51
CA LEU A 127 0.24 25.65 16.35
C LEU A 127 1.50 26.48 16.49
N LEU A 128 1.49 27.71 15.97
CA LEU A 128 2.68 28.55 16.09
C LEU A 128 2.85 29.09 17.50
N GLU A 129 1.78 29.14 18.27
CA GLU A 129 1.79 29.74 19.60
C GLU A 129 1.93 28.73 20.73
N ASP A 130 1.41 27.52 20.57
CA ASP A 130 1.41 26.53 21.64
C ASP A 130 2.19 25.31 21.18
N PRO A 131 3.39 25.05 21.70
CA PRO A 131 4.14 23.88 21.23
C PRO A 131 3.93 22.64 22.09
N GLN A 132 2.83 22.55 22.83
CA GLN A 132 2.80 21.54 23.88
C GLN A 132 1.47 20.84 24.09
N THR A 133 0.35 21.56 24.04
CA THR A 133 -0.90 20.94 24.45
C THR A 133 -1.26 19.80 23.52
N PRO A 134 -1.47 18.57 24.02
CA PRO A 134 -1.78 17.45 23.13
C PRO A 134 -3.07 17.67 22.35
N ILE A 135 -3.00 17.33 21.06
CA ILE A 135 -4.13 17.44 20.14
C ILE A 135 -4.97 16.17 20.24
N PRO A 136 -6.28 16.28 20.47
CA PRO A 136 -7.11 15.07 20.52
C PRO A 136 -7.21 14.40 19.16
N THR A 137 -7.35 13.07 19.18
CA THR A 137 -7.51 12.28 17.97
C THR A 137 -8.73 11.39 18.12
N THR A 138 -9.23 10.90 16.98
CA THR A 138 -10.28 9.89 16.95
C THR A 138 -9.66 8.54 16.62
N ILE A 139 -10.14 7.49 17.28
CA ILE A 139 -9.72 6.12 16.97
C ILE A 139 -10.89 5.37 16.38
N MET A 140 -10.62 4.66 15.28
CA MET A 140 -11.67 3.88 14.62
C MET A 140 -11.05 2.60 14.08
N ALA A 141 -11.91 1.61 13.88
CA ALA A 141 -11.50 0.34 13.30
C ALA A 141 -11.55 0.43 11.78
N LYS A 142 -10.48 0.01 11.12
CA LYS A 142 -10.45 -0.04 9.67
C LYS A 142 -11.41 -1.12 9.17
N ASN A 143 -12.25 -0.80 8.19
CA ASN A 143 -13.10 -1.80 7.53
C ASN A 143 -12.42 -2.22 6.23
N GLU A 144 -11.94 -3.46 6.17
CA GLU A 144 -11.35 -3.99 4.95
C GLU A 144 -11.68 -5.48 4.88
N VAL A 145 -11.60 -6.03 3.66
CA VAL A 145 -12.20 -7.32 3.32
C VAL A 145 -11.13 -8.37 3.12
N PHE A 146 -11.35 -9.56 3.68
CA PHE A 146 -10.43 -10.67 3.51
C PHE A 146 -11.20 -11.98 3.30
N CYS A 147 -10.47 -13.03 2.97
CA CYS A 147 -10.97 -14.40 2.97
C CYS A 147 -10.58 -15.08 4.29
N VAL A 148 -11.52 -15.86 4.86
CA VAL A 148 -11.22 -16.52 6.12
C VAL A 148 -10.03 -17.44 5.94
N ASP A 149 -9.17 -17.46 6.96
CA ASP A 149 -8.03 -18.37 6.99
C ASP A 149 -8.11 -19.18 8.27
N PRO A 150 -8.55 -20.43 8.21
CA PRO A 150 -8.56 -21.27 9.44
C PRO A 150 -7.17 -21.47 10.02
N ALA A 151 -6.14 -21.51 9.18
CA ALA A 151 -4.76 -21.63 9.65
C ALA A 151 -4.33 -20.46 10.53
N LYS A 152 -5.11 -19.38 10.60
CA LYS A 152 -4.70 -18.17 11.32
C LYS A 152 -5.88 -17.58 12.09
N GLY A 153 -6.73 -18.44 12.65
CA GLY A 153 -7.77 -18.04 13.56
C GLY A 153 -9.07 -17.60 12.94
N GLY A 154 -9.26 -17.82 11.63
CA GLY A 154 -10.45 -17.36 10.95
C GLY A 154 -10.34 -15.93 10.47
N LYS A 155 -10.86 -14.98 11.27
CA LYS A 155 -10.93 -13.58 10.88
C LYS A 155 -9.89 -12.74 11.63
N LYS A 156 -9.09 -12.00 10.87
CA LYS A 156 -8.21 -11.00 11.46
C LYS A 156 -9.03 -9.90 12.12
N PRO A 157 -8.60 -9.40 13.28
CA PRO A 157 -9.23 -8.19 13.84
C PRO A 157 -8.86 -6.96 13.03
N ALA A 158 -9.74 -5.96 13.10
CA ALA A 158 -9.57 -4.73 12.33
C ALA A 158 -8.32 -3.97 12.76
N ARG A 159 -7.64 -3.35 11.79
CA ARG A 159 -6.58 -2.40 12.11
C ARG A 159 -7.16 -1.18 12.84
N LEU A 160 -6.31 -0.53 13.64
CA LEU A 160 -6.69 0.69 14.34
C LEU A 160 -6.20 1.88 13.55
N ILE A 161 -7.12 2.82 13.27
CA ILE A 161 -6.82 4.08 12.61
C ILE A 161 -7.00 5.20 13.63
N VAL A 162 -6.06 6.15 13.63
CA VAL A 162 -6.04 7.25 14.60
C VAL A 162 -5.71 8.54 13.85
N TYR A 163 -6.61 9.51 13.88
CA TYR A 163 -6.42 10.73 13.10
C TYR A 163 -6.96 11.94 13.85
N PRO A 164 -6.40 13.14 13.60
CA PRO A 164 -6.94 14.35 14.23
C PRO A 164 -8.06 14.97 13.41
N ASP A 165 -8.57 16.11 13.86
CA ASP A 165 -9.67 16.76 13.17
C ASP A 165 -9.22 17.30 11.81
N LEU A 166 -10.19 17.42 10.90
CA LEU A 166 -9.93 17.88 9.53
C LEU A 166 -9.11 19.16 9.46
N GLY A 167 -9.36 20.11 10.38
CA GLY A 167 -8.57 21.34 10.40
C GLY A 167 -7.08 21.08 10.64
N VAL A 168 -6.77 20.19 11.60
CA VAL A 168 -5.38 19.82 11.85
C VAL A 168 -4.78 19.11 10.63
N ARG A 169 -5.57 18.26 9.96
CA ARG A 169 -5.03 17.53 8.82
C ARG A 169 -4.64 18.49 7.71
N VAL A 170 -5.45 19.53 7.47
CA VAL A 170 -5.08 20.57 6.52
C VAL A 170 -3.79 21.25 6.94
N CYS A 171 -3.66 21.57 8.23
CA CYS A 171 -2.45 22.23 8.73
C CYS A 171 -1.21 21.36 8.57
N GLU A 172 -1.35 20.05 8.79
CA GLU A 172 -0.21 19.15 8.58
C GLU A 172 0.37 19.30 7.18
N LYS A 173 -0.50 19.47 6.17
CA LYS A 173 -0.04 19.60 4.79
C LYS A 173 0.66 20.93 4.56
N MET A 174 0.13 22.01 5.15
CA MET A 174 0.83 23.29 5.08
C MET A 174 2.28 23.14 5.49
N ALA A 175 2.49 22.47 6.64
CA ALA A 175 3.82 22.34 7.21
C ALA A 175 4.65 21.27 6.52
N LEU A 176 4.03 20.14 6.15
CA LEU A 176 4.84 18.98 5.76
C LEU A 176 4.54 18.37 4.39
N TYR A 177 3.56 18.88 3.64
CA TYR A 177 3.24 18.22 2.38
C TYR A 177 4.42 18.25 1.42
N ASP A 178 5.08 19.40 1.30
CA ASP A 178 6.19 19.48 0.36
C ASP A 178 7.35 18.58 0.79
N ILE A 179 7.51 18.38 2.11
CA ILE A 179 8.53 17.45 2.58
C ILE A 179 8.18 16.02 2.18
N THR A 180 6.90 15.64 2.32
CA THR A 180 6.52 14.30 1.90
C THR A 180 6.78 14.06 0.42
N GLN A 181 6.86 15.11 -0.39
CA GLN A 181 7.12 14.92 -1.81
C GLN A 181 8.60 14.86 -2.15
N LYS A 182 9.47 15.23 -1.23
CA LYS A 182 10.88 15.40 -1.55
C LYS A 182 11.82 14.60 -0.64
N LEU A 183 11.49 14.49 0.64
CA LEU A 183 12.42 13.86 1.59
C LEU A 183 12.72 12.40 1.26
N PRO A 184 11.73 11.51 1.04
CA PRO A 184 12.08 10.08 0.85
C PRO A 184 13.04 9.82 -0.29
N GLN A 185 12.77 10.37 -1.48
CA GLN A 185 13.71 10.18 -2.59
C GLN A 185 15.07 10.77 -2.25
N ALA A 186 15.10 11.87 -1.51
CA ALA A 186 16.37 12.53 -1.21
C ALA A 186 17.25 11.67 -0.29
N VAL A 187 16.67 11.04 0.73
CA VAL A 187 17.49 10.26 1.66
C VAL A 187 17.70 8.82 1.16
N MET A 188 16.76 8.27 0.38
CA MET A 188 16.80 6.86 -0.02
C MET A 188 17.12 6.63 -1.48
N GLY A 189 16.90 7.60 -2.37
CA GLY A 189 17.21 7.40 -3.76
C GLY A 189 16.42 6.25 -4.35
N ALA A 190 17.12 5.35 -5.05
CA ALA A 190 16.48 4.22 -5.68
C ALA A 190 15.90 3.23 -4.69
N SER A 191 16.25 3.33 -3.41
CA SER A 191 15.73 2.38 -2.44
C SER A 191 14.28 2.67 -2.08
N TYR A 192 13.80 3.88 -2.36
CA TYR A 192 12.43 4.26 -2.06
C TYR A 192 11.48 3.47 -2.95
N GLY A 193 10.63 2.65 -2.33
CA GLY A 193 9.81 1.72 -3.09
C GLY A 193 8.56 2.31 -3.72
N PHE A 194 8.04 3.40 -3.16
CA PHE A 194 6.76 3.95 -3.58
C PHE A 194 6.90 4.89 -4.77
N GLN A 195 7.93 4.69 -5.58
CA GLN A 195 8.13 5.44 -6.81
C GLN A 195 8.07 4.56 -8.05
N TYR A 196 7.81 3.26 -7.89
CA TYR A 196 7.95 2.30 -8.97
C TYR A 196 6.60 1.71 -9.36
N SER A 197 6.36 1.60 -10.66
CA SER A 197 5.28 0.77 -11.20
C SER A 197 5.69 -0.70 -11.03
N PRO A 198 4.72 -1.62 -11.15
CA PRO A 198 5.07 -3.05 -11.00
C PRO A 198 6.22 -3.46 -11.89
N ALA A 199 6.18 -3.08 -13.17
CA ALA A 199 7.26 -3.45 -14.08
C ALA A 199 8.59 -2.83 -13.65
N GLN A 200 8.55 -1.59 -13.14
CA GLN A 200 9.80 -0.94 -12.74
C GLN A 200 10.35 -1.57 -11.49
N ARG A 201 9.46 -1.98 -10.57
CA ARG A 201 9.86 -2.71 -9.39
C ARG A 201 10.58 -3.99 -9.78
N VAL A 202 9.99 -4.77 -10.70
CA VAL A 202 10.62 -6.00 -11.16
C VAL A 202 12.00 -5.71 -11.71
N GLU A 203 12.10 -4.72 -12.61
CA GLU A 203 13.37 -4.37 -13.22
C GLU A 203 14.41 -4.01 -12.17
N TYR A 204 14.04 -3.23 -11.16
CA TYR A 204 14.96 -2.87 -10.10
C TYR A 204 15.48 -4.12 -9.38
N LEU A 205 14.58 -5.04 -9.01
CA LEU A 205 15.01 -6.23 -8.29
C LEU A 205 15.86 -7.14 -9.16
N LEU A 206 15.49 -7.30 -10.44
CA LEU A 206 16.33 -8.09 -11.34
C LEU A 206 17.73 -7.48 -11.45
N LYS A 207 17.81 -6.16 -11.62
CA LYS A 207 19.10 -5.50 -11.76
C LYS A 207 19.97 -5.73 -10.53
N ALA A 208 19.39 -5.60 -9.33
CA ALA A 208 20.14 -5.84 -8.11
C ALA A 208 20.61 -7.28 -8.03
N TRP A 209 19.71 -8.23 -8.31
CA TRP A 209 20.06 -9.64 -8.29
C TRP A 209 21.23 -9.92 -9.21
N ALA A 210 21.19 -9.37 -10.42
CA ALA A 210 22.18 -9.67 -11.45
C ALA A 210 23.55 -9.09 -11.14
N GLU A 211 23.58 -7.98 -10.40
CA GLU A 211 24.87 -7.35 -10.16
C GLU A 211 25.58 -7.93 -8.95
N LYS A 212 24.95 -8.82 -8.18
CA LYS A 212 25.71 -9.56 -7.19
C LYS A 212 26.46 -10.70 -7.86
N LYS A 213 27.70 -10.92 -7.44
CA LYS A 213 28.42 -12.09 -7.91
C LYS A 213 27.71 -13.37 -7.49
N ASP A 214 27.15 -13.38 -6.28
CA ASP A 214 26.49 -14.56 -5.71
C ASP A 214 25.34 -14.07 -4.84
N PRO A 215 24.19 -13.79 -5.44
CA PRO A 215 23.14 -13.04 -4.72
C PRO A 215 22.45 -13.88 -3.66
N MET A 216 22.14 -13.23 -2.56
CA MET A 216 21.23 -13.73 -1.55
C MET A 216 20.24 -12.61 -1.28
N GLY A 217 18.98 -12.96 -1.06
CA GLY A 217 17.97 -11.97 -0.79
C GLY A 217 17.08 -12.44 0.34
N PHE A 218 16.49 -11.47 1.05
CA PHE A 218 15.50 -11.79 2.06
C PHE A 218 14.52 -10.63 2.18
N SER A 219 13.38 -10.91 2.79
CA SER A 219 12.37 -9.91 3.08
C SER A 219 12.24 -9.77 4.58
N TYR A 220 11.84 -8.58 5.01
CA TYR A 220 11.60 -8.34 6.43
C TYR A 220 10.35 -7.48 6.56
N ASP A 221 9.52 -7.82 7.53
CA ASP A 221 8.34 -7.05 7.84
C ASP A 221 8.20 -7.03 9.36
N THR A 222 7.81 -5.89 9.89
CA THR A 222 7.73 -5.71 11.34
C THR A 222 6.32 -6.06 11.80
N ARG A 223 6.24 -6.69 12.97
CA ARG A 223 4.94 -6.99 13.57
C ARG A 223 4.33 -5.72 14.15
N HIS A 224 3.16 -5.31 13.63
CA HIS A 224 2.43 -4.14 14.11
C HIS A 224 3.31 -2.90 14.15
N PHE A 225 3.81 -2.51 12.97
CA PHE A 225 4.92 -1.55 12.93
C PHE A 225 4.57 -0.24 13.62
N ASP A 226 3.34 0.25 13.46
CA ASP A 226 3.02 1.57 14.02
C ASP A 226 3.12 1.57 15.54
N SER A 227 2.77 0.47 16.19
CA SER A 227 2.86 0.39 17.65
C SER A 227 4.27 0.15 18.13
N THR A 228 5.20 -0.23 17.25
CA THR A 228 6.59 -0.36 17.67
C THR A 228 7.38 0.92 17.50
N VAL A 229 6.80 1.96 16.91
CA VAL A 229 7.48 3.25 16.74
C VAL A 229 7.47 3.99 18.08
N THR A 230 8.65 4.39 18.54
CA THR A 230 8.79 5.00 19.86
C THR A 230 8.72 6.52 19.77
N GLU A 231 8.35 7.15 20.89
CA GLU A 231 8.39 8.60 20.99
C GLU A 231 9.71 9.16 20.51
N ARG A 232 10.81 8.43 20.77
CA ARG A 232 12.13 8.89 20.34
C ARG A 232 12.34 8.70 18.84
N ASP A 233 11.77 7.63 18.26
CA ASP A 233 11.75 7.52 16.79
C ASP A 233 11.08 8.74 16.18
N ILE A 234 9.93 9.12 16.73
CA ILE A 234 9.14 10.21 16.16
C ILE A 234 9.88 11.53 16.29
N ARG A 235 10.51 11.78 17.45
CA ARG A 235 11.29 13.01 17.59
C ARG A 235 12.49 13.00 16.67
N THR A 236 13.08 11.81 16.45
CA THR A 236 14.17 11.71 15.49
C THR A 236 13.68 11.97 14.07
N GLU A 237 12.43 11.63 13.78
CA GLU A 237 11.87 12.00 12.49
C GLU A 237 11.79 13.51 12.33
N GLU A 238 11.34 14.22 13.37
CA GLU A 238 11.39 15.69 13.29
C GLU A 238 12.80 16.18 13.00
N SER A 239 13.80 15.66 13.74
CA SER A 239 15.15 16.16 13.47
C SER A 239 15.61 15.83 12.05
N ILE A 240 15.06 14.79 11.43
CA ILE A 240 15.38 14.56 10.02
C ILE A 240 14.66 15.59 9.16
N TYR A 241 13.39 15.88 9.49
CA TYR A 241 12.67 16.93 8.76
C TYR A 241 13.40 18.26 8.90
N GLN A 242 13.81 18.60 10.12
CA GLN A 242 14.47 19.86 10.40
C GLN A 242 15.84 19.95 9.74
N ALA A 243 16.39 18.83 9.29
CA ALA A 243 17.66 18.92 8.60
C ALA A 243 17.54 19.62 7.24
N CYS A 244 16.33 19.68 6.67
CA CYS A 244 16.16 20.37 5.39
C CYS A 244 16.21 21.87 5.61
N SER A 245 16.45 22.62 4.51
CA SER A 245 16.23 24.06 4.54
C SER A 245 14.73 24.34 4.54
N LEU A 246 14.26 25.01 5.58
CA LEU A 246 12.85 25.33 5.79
C LEU A 246 12.73 26.75 6.31
N PRO A 247 11.67 27.47 5.92
CA PRO A 247 11.37 28.74 6.58
C PRO A 247 11.10 28.51 8.06
N GLU A 248 11.32 29.54 8.87
CA GLU A 248 11.20 29.34 10.31
C GLU A 248 9.77 29.00 10.70
N GLU A 249 8.80 29.55 9.99
CA GLU A 249 7.40 29.28 10.33
C GLU A 249 7.08 27.79 10.16
N ALA A 250 7.67 27.16 9.14
CA ALA A 250 7.49 25.71 8.99
C ALA A 250 8.16 24.95 10.12
N ARG A 251 9.41 25.32 10.45
CA ARG A 251 10.10 24.68 11.57
C ARG A 251 9.27 24.73 12.84
N THR A 252 8.64 25.87 13.11
CA THR A 252 7.85 26.02 14.31
C THR A 252 6.64 25.11 14.29
N ALA A 253 5.95 25.04 13.15
CA ALA A 253 4.76 24.19 13.07
C ALA A 253 5.14 22.72 13.09
N ILE A 254 6.24 22.36 12.43
CA ILE A 254 6.71 20.97 12.43
C ILE A 254 6.99 20.50 13.85
N HIS A 255 7.69 21.32 14.64
CA HIS A 255 7.96 20.94 16.02
C HIS A 255 6.67 20.82 16.81
N SER A 256 5.74 21.72 16.58
CA SER A 256 4.52 21.73 17.37
C SER A 256 3.66 20.52 17.05
N LEU A 257 3.59 20.15 15.77
CA LEU A 257 2.85 18.94 15.39
C LEU A 257 3.52 17.69 15.97
N THR A 258 4.86 17.63 15.95
CA THR A 258 5.55 16.50 16.57
C THR A 258 5.20 16.37 18.04
N GLU A 259 5.38 17.45 18.82
CA GLU A 259 5.17 17.33 20.26
C GLU A 259 3.70 17.14 20.59
N ARG A 260 2.81 17.71 19.80
CA ARG A 260 1.41 17.74 20.20
C ARG A 260 0.57 16.64 19.57
N LEU A 261 1.05 16.04 18.48
CA LEU A 261 0.29 15.07 17.73
C LEU A 261 1.09 13.81 17.42
N TYR A 262 2.25 13.96 16.78
CA TYR A 262 2.95 12.81 16.23
C TYR A 262 3.48 11.88 17.33
N VAL A 263 4.06 12.44 18.41
CA VAL A 263 4.67 11.58 19.44
C VAL A 263 3.64 10.90 20.31
N GLY A 264 2.42 11.40 20.36
CA GLY A 264 1.40 10.77 21.16
C GLY A 264 0.25 11.72 21.43
N GLY A 265 -0.72 11.21 22.17
CA GLY A 265 -1.83 12.01 22.62
C GLY A 265 -3.05 11.19 22.93
N PRO A 266 -4.06 11.84 23.49
CA PRO A 266 -5.29 11.12 23.86
C PRO A 266 -6.11 10.74 22.64
N MET A 267 -6.82 9.62 22.76
CA MET A 267 -7.67 9.08 21.70
C MET A 267 -9.10 9.02 22.20
N PHE A 268 -10.03 9.53 21.39
CA PHE A 268 -11.45 9.48 21.69
C PHE A 268 -12.15 8.60 20.68
N ASN A 269 -13.20 7.90 21.13
CA ASN A 269 -13.91 7.07 20.18
C ASN A 269 -14.87 7.95 19.38
N SER A 270 -15.64 7.33 18.48
CA SER A 270 -16.53 8.12 17.63
C SER A 270 -17.68 8.72 18.42
N LYS A 271 -17.96 8.21 19.62
CA LYS A 271 -18.98 8.76 20.50
C LYS A 271 -18.46 9.88 21.40
N GLY A 272 -17.23 10.36 21.17
CA GLY A 272 -16.67 11.39 22.00
C GLY A 272 -16.06 10.94 23.32
N GLN A 273 -16.24 9.69 23.72
CA GLN A 273 -15.70 9.24 25.00
C GLN A 273 -14.20 9.08 24.93
N THR A 274 -13.52 9.44 26.02
CA THR A 274 -12.08 9.23 26.07
C THR A 274 -11.81 7.73 26.10
N CYS A 275 -10.84 7.28 25.28
CA CYS A 275 -10.67 5.86 24.99
C CYS A 275 -9.30 5.33 25.34
N GLY A 276 -8.27 6.18 25.31
CA GLY A 276 -6.95 5.73 25.67
C GLY A 276 -5.94 6.81 25.38
N TYR A 277 -4.67 6.44 25.52
CA TYR A 277 -3.56 7.33 25.25
C TYR A 277 -2.55 6.58 24.40
N ARG A 278 -2.04 7.27 23.37
CA ARG A 278 -1.12 6.71 22.39
C ARG A 278 0.28 7.27 22.62
N ARG A 279 1.29 6.41 22.50
CA ARG A 279 2.68 6.81 22.57
C ARG A 279 3.48 6.18 21.43
N CYS A 280 2.84 6.06 20.27
CA CYS A 280 3.45 5.48 19.07
C CYS A 280 2.89 6.21 17.85
N ARG A 281 3.23 5.67 16.66
CA ARG A 281 2.73 6.21 15.41
C ARG A 281 1.21 6.17 15.35
N ALA A 282 0.60 7.28 14.98
CA ALA A 282 -0.82 7.33 14.67
C ALA A 282 -0.98 7.09 13.18
N SER A 283 -1.64 6.01 12.80
CA SER A 283 -1.84 5.68 11.39
C SER A 283 -3.04 6.49 10.92
N GLY A 284 -2.76 7.58 10.22
CA GLY A 284 -3.77 8.58 9.98
C GLY A 284 -3.25 10.01 9.90
N VAL A 285 -2.02 10.23 10.36
CA VAL A 285 -1.40 11.54 10.24
C VAL A 285 -0.70 11.62 8.90
N LEU A 286 -0.40 12.86 8.44
CA LEU A 286 0.20 13.04 7.13
C LEU A 286 1.52 12.30 7.00
N THR A 287 2.28 12.19 8.10
CA THR A 287 3.62 11.65 8.07
C THR A 287 3.66 10.13 8.26
N THR A 288 2.51 9.43 8.22
CA THR A 288 2.53 7.99 8.47
C THR A 288 3.40 7.25 7.44
N SER A 289 3.17 7.49 6.16
CA SER A 289 3.88 6.72 5.14
C SER A 289 5.35 7.08 5.09
N MET A 290 5.65 8.38 5.00
CA MET A 290 7.03 8.85 4.98
C MET A 290 7.76 8.50 6.27
N GLY A 291 7.11 8.68 7.41
CA GLY A 291 7.76 8.33 8.68
C GLY A 291 8.11 6.86 8.76
N ASN A 292 7.14 5.99 8.48
CA ASN A 292 7.38 4.55 8.47
C ASN A 292 8.52 4.21 7.54
N THR A 293 8.48 4.75 6.32
CA THR A 293 9.47 4.37 5.34
C THR A 293 10.86 4.84 5.73
N ILE A 294 10.98 6.05 6.29
CA ILE A 294 12.31 6.54 6.64
C ILE A 294 12.82 5.84 7.90
N THR A 295 11.99 5.72 8.91
CA THR A 295 12.42 5.03 10.12
C THR A 295 12.74 3.57 9.84
N CYS A 296 11.90 2.89 9.06
CA CYS A 296 12.23 1.54 8.64
C CYS A 296 13.59 1.49 7.97
N TYR A 297 13.86 2.47 7.11
CA TYR A 297 15.13 2.50 6.40
C TYR A 297 16.31 2.73 7.34
N VAL A 298 16.16 3.60 8.34
CA VAL A 298 17.24 3.86 9.29
C VAL A 298 17.60 2.57 10.03
N LYS A 299 16.60 1.98 10.68
CA LYS A 299 16.79 0.76 11.43
C LYS A 299 17.35 -0.37 10.56
N ALA A 300 16.76 -0.58 9.38
CA ALA A 300 17.15 -1.71 8.54
C ALA A 300 18.57 -1.55 8.02
N LEU A 301 18.93 -0.34 7.62
CA LEU A 301 20.27 -0.11 7.10
C LEU A 301 21.30 -0.26 8.22
N ALA A 302 20.95 0.18 9.43
CA ALA A 302 21.82 0.00 10.58
C ALA A 302 21.93 -1.47 10.97
N ALA A 303 20.81 -2.19 10.94
CA ALA A 303 20.86 -3.62 11.21
C ALA A 303 21.67 -4.35 10.14
N CYS A 304 21.67 -3.87 8.90
CA CYS A 304 22.55 -4.47 7.90
C CYS A 304 23.99 -4.35 8.30
N LYS A 305 24.37 -3.20 8.87
CA LYS A 305 25.72 -3.01 9.37
C LYS A 305 26.00 -3.90 10.58
N ALA A 306 25.05 -3.98 11.51
CA ALA A 306 25.22 -4.85 12.67
C ALA A 306 25.49 -6.29 12.25
N ALA A 307 24.76 -6.79 11.25
CA ALA A 307 24.80 -8.18 10.84
C ALA A 307 25.91 -8.49 9.85
N GLY A 308 26.61 -7.50 9.33
CA GLY A 308 27.59 -7.77 8.31
C GLY A 308 27.04 -8.10 6.94
N ILE A 309 25.83 -7.63 6.61
CA ILE A 309 25.30 -7.79 5.27
C ILE A 309 26.23 -7.10 4.28
N VAL A 310 26.70 -7.83 3.29
CA VAL A 310 27.70 -7.33 2.34
C VAL A 310 27.01 -6.79 1.10
N ALA A 311 27.38 -5.59 0.70
CA ALA A 311 26.88 -4.96 -0.52
C ALA A 311 25.35 -5.01 -0.60
N PRO A 312 24.65 -4.49 0.40
CA PRO A 312 23.18 -4.55 0.36
C PRO A 312 22.60 -3.56 -0.65
N THR A 313 21.65 -4.04 -1.43
CA THR A 313 20.74 -3.21 -2.21
C THR A 313 19.36 -3.40 -1.61
N MET A 314 18.73 -2.30 -1.21
CA MET A 314 17.49 -2.35 -0.47
C MET A 314 16.33 -1.81 -1.31
N LEU A 315 15.13 -2.29 -0.98
CA LEU A 315 13.89 -1.70 -1.44
C LEU A 315 12.96 -1.61 -0.23
N VAL A 316 12.54 -0.40 0.12
CA VAL A 316 11.75 -0.13 1.31
C VAL A 316 10.42 0.50 0.91
N CYS A 317 9.30 -0.08 1.39
CA CYS A 317 7.97 0.50 1.28
C CYS A 317 7.29 0.43 2.63
N GLY A 318 7.08 1.58 3.28
CA GLY A 318 6.50 1.49 4.62
C GLY A 318 7.38 0.61 5.49
N ASP A 319 6.78 -0.40 6.15
CA ASP A 319 7.53 -1.34 6.98
C ASP A 319 7.94 -2.60 6.23
N ASP A 320 7.91 -2.59 4.90
CA ASP A 320 8.28 -3.74 4.10
C ASP A 320 9.65 -3.51 3.49
N LEU A 321 10.47 -4.56 3.53
CA LEU A 321 11.86 -4.42 3.16
C LEU A 321 12.33 -5.64 2.40
N ILE A 322 13.03 -5.43 1.29
CA ILE A 322 13.82 -6.47 0.61
C ILE A 322 15.27 -6.04 0.65
N VAL A 323 16.16 -6.94 1.04
CA VAL A 323 17.59 -6.73 0.94
C VAL A 323 18.16 -7.80 0.01
N ILE A 324 18.80 -7.36 -1.06
CA ILE A 324 19.53 -8.25 -1.95
C ILE A 324 21.02 -7.92 -1.78
N SER A 325 21.83 -8.94 -1.48
CA SER A 325 23.21 -8.71 -1.06
C SER A 325 24.11 -9.82 -1.56
N GLU A 326 25.40 -9.73 -1.19
CA GLU A 326 26.37 -10.75 -1.57
C GLU A 326 26.34 -11.88 -0.55
N SER A 327 26.06 -13.09 -1.01
CA SER A 327 26.03 -14.23 -0.10
C SER A 327 27.43 -14.48 0.47
N GLN A 328 27.47 -14.81 1.76
CA GLN A 328 28.69 -15.26 2.42
C GLN A 328 28.67 -16.77 2.68
N GLY A 329 27.97 -17.52 1.83
CA GLY A 329 27.70 -18.93 2.08
C GLY A 329 26.49 -19.07 2.99
N THR A 330 25.73 -20.17 2.78
CA THR A 330 24.45 -20.27 3.47
C THR A 330 24.62 -20.27 4.98
N GLU A 331 25.71 -20.83 5.48
CA GLU A 331 25.89 -20.89 6.93
C GLU A 331 26.06 -19.48 7.52
N GLU A 332 26.97 -18.68 6.96
CA GLU A 332 27.09 -17.32 7.47
C GLU A 332 25.82 -16.49 7.17
N ASP A 333 25.19 -16.71 6.00
CA ASP A 333 23.95 -16.01 5.68
C ASP A 333 22.88 -16.25 6.74
N GLU A 334 22.73 -17.50 7.21
CA GLU A 334 21.77 -17.79 8.26
C GLU A 334 22.10 -17.01 9.53
N ARG A 335 23.37 -17.05 9.95
CA ARG A 335 23.80 -16.31 11.14
C ARG A 335 23.57 -14.81 10.96
N ASN A 336 24.01 -14.26 9.82
CA ASN A 336 23.84 -12.84 9.58
C ASN A 336 22.37 -12.43 9.68
N LEU A 337 21.46 -13.23 9.13
CA LEU A 337 20.06 -12.86 9.22
C LEU A 337 19.56 -12.91 10.65
N ARG A 338 20.11 -13.81 11.47
CA ARG A 338 19.76 -13.81 12.87
C ARG A 338 20.28 -12.55 13.55
N ALA A 339 21.51 -12.16 13.22
CA ALA A 339 22.04 -10.90 13.74
C ALA A 339 21.17 -9.73 13.31
N PHE A 340 20.82 -9.68 12.02
CA PHE A 340 19.92 -8.66 11.51
C PHE A 340 18.63 -8.60 12.33
N THR A 341 17.97 -9.75 12.52
CA THR A 341 16.71 -9.78 13.25
C THR A 341 16.88 -9.31 14.68
N GLU A 342 17.96 -9.77 15.34
CA GLU A 342 18.21 -9.35 16.71
C GLU A 342 18.40 -7.84 16.79
N ALA A 343 19.16 -7.27 15.85
CA ALA A 343 19.38 -5.83 15.83
C ALA A 343 18.07 -5.07 15.61
N MET A 344 17.31 -5.43 14.57
CA MET A 344 15.99 -4.82 14.39
C MET A 344 15.15 -4.93 15.66
N THR A 345 15.29 -6.05 16.38
CA THR A 345 14.48 -6.19 17.59
C THR A 345 14.95 -5.23 18.67
N ARG A 346 16.27 -5.01 18.76
CA ARG A 346 16.78 -3.99 19.68
C ARG A 346 16.29 -2.60 19.28
N TYR A 347 16.26 -2.31 17.98
CA TYR A 347 15.79 -0.99 17.56
C TYR A 347 14.29 -0.79 17.72
N SER A 348 13.56 -1.78 18.23
CA SER A 348 12.10 -1.74 18.38
C SER A 348 11.41 -1.90 17.02
N ALA A 349 11.86 -2.88 16.25
CA ALA A 349 11.20 -3.30 15.02
C ALA A 349 11.21 -4.83 14.98
N PRO A 350 10.46 -5.46 15.88
CA PRO A 350 10.49 -6.93 15.96
C PRO A 350 9.80 -7.55 14.75
N PRO A 351 10.21 -8.75 14.35
CA PRO A 351 9.71 -9.34 13.10
C PRO A 351 8.35 -10.01 13.24
N GLY A 352 7.52 -9.86 12.20
CA GLY A 352 6.30 -10.61 12.10
C GLY A 352 6.58 -12.08 11.99
N ASP A 353 7.20 -12.49 10.88
CA ASP A 353 7.73 -13.82 10.63
C ASP A 353 9.25 -13.76 10.53
N PRO A 354 9.96 -14.72 11.11
CA PRO A 354 11.42 -14.65 11.08
C PRO A 354 11.92 -14.66 9.65
N PRO A 355 12.82 -13.75 9.30
CA PRO A 355 13.35 -13.74 7.94
C PRO A 355 14.24 -14.94 7.69
N ARG A 356 14.44 -15.21 6.40
CA ARG A 356 15.16 -16.39 5.99
C ARG A 356 15.89 -16.06 4.69
N PRO A 357 17.16 -16.42 4.55
CA PRO A 357 17.85 -16.14 3.28
C PRO A 357 17.30 -17.02 2.17
N GLU A 358 17.26 -16.45 0.98
CA GLU A 358 16.79 -17.16 -0.20
C GLU A 358 17.76 -16.89 -1.33
N TYR A 359 17.77 -17.79 -2.29
CA TYR A 359 18.71 -17.74 -3.38
C TYR A 359 17.99 -17.89 -4.71
N ASP A 360 16.69 -17.63 -4.71
CA ASP A 360 15.85 -17.70 -5.89
C ASP A 360 14.86 -16.55 -5.77
N LEU A 361 14.81 -15.68 -6.79
CA LEU A 361 14.03 -14.46 -6.67
C LEU A 361 12.53 -14.75 -6.48
N GLU A 362 12.02 -15.88 -6.98
CA GLU A 362 10.57 -16.08 -6.90
C GLU A 362 10.09 -16.27 -5.46
N LEU A 363 10.97 -16.74 -4.58
CA LEU A 363 10.61 -17.13 -3.21
C LEU A 363 10.64 -15.99 -2.21
N ILE A 364 10.87 -14.75 -2.65
CA ILE A 364 10.93 -13.59 -1.78
C ILE A 364 9.65 -12.76 -1.98
N THR A 365 8.84 -12.64 -0.94
CA THR A 365 7.63 -11.85 -0.99
C THR A 365 7.81 -10.59 -0.14
N SER A 366 7.54 -9.43 -0.74
CA SER A 366 7.57 -8.17 0.00
C SER A 366 6.48 -7.23 -0.49
N CYS A 367 5.93 -6.46 0.44
CA CYS A 367 4.80 -5.58 0.17
C CYS A 367 3.69 -6.33 -0.56
N SER A 368 3.48 -7.58 -0.17
CA SER A 368 2.44 -8.50 -0.61
C SER A 368 2.64 -9.04 -2.02
N SER A 369 3.79 -8.81 -2.67
CA SER A 369 4.01 -9.25 -4.03
C SER A 369 5.34 -9.99 -4.17
N ASN A 370 5.50 -10.71 -5.27
CA ASN A 370 6.76 -11.37 -5.60
C ASN A 370 6.96 -11.37 -7.10
N VAL A 371 8.23 -11.47 -7.51
CA VAL A 371 8.59 -11.58 -8.91
C VAL A 371 8.38 -13.03 -9.36
N SER A 372 7.84 -13.20 -10.55
CA SER A 372 7.74 -14.53 -11.13
C SER A 372 8.19 -14.47 -12.59
N VAL A 373 8.18 -15.62 -13.25
CA VAL A 373 8.73 -15.77 -14.58
C VAL A 373 7.76 -16.58 -15.42
N ALA A 374 7.56 -16.14 -16.66
CA ALA A 374 6.81 -16.88 -17.64
C ALA A 374 7.56 -16.80 -18.96
N LEU A 375 7.21 -17.69 -19.88
CA LEU A 375 7.80 -17.71 -21.21
C LEU A 375 6.87 -17.02 -22.18
N GLY A 376 7.42 -16.65 -23.34
CA GLY A 376 6.58 -16.37 -24.47
C GLY A 376 6.18 -17.64 -25.19
N PRO A 377 5.69 -17.52 -26.42
CA PRO A 377 5.86 -18.64 -27.36
C PRO A 377 7.30 -18.78 -27.79
N ARG A 378 8.11 -17.73 -27.55
CA ARG A 378 9.50 -17.65 -27.97
C ARG A 378 10.42 -18.57 -27.18
N GLY A 379 10.01 -18.98 -25.98
CA GLY A 379 10.93 -19.47 -25.00
C GLY A 379 11.66 -18.36 -24.26
N ARG A 380 11.45 -17.12 -24.65
CA ARG A 380 12.10 -16.00 -23.99
C ARG A 380 11.52 -15.79 -22.59
N ARG A 381 12.39 -15.75 -21.58
CA ARG A 381 11.93 -15.53 -20.21
C ARG A 381 11.44 -14.10 -20.04
N ARG A 382 10.29 -13.95 -19.39
CA ARG A 382 9.73 -12.65 -19.06
C ARG A 382 9.38 -12.63 -17.58
N TYR A 383 9.80 -11.57 -16.89
CA TYR A 383 9.59 -11.43 -15.46
C TYR A 383 8.52 -10.37 -15.21
N TYR A 384 7.76 -10.55 -14.13
CA TYR A 384 6.64 -9.67 -13.85
C TYR A 384 6.28 -9.83 -12.38
N LEU A 385 5.51 -8.87 -11.87
CA LEU A 385 5.10 -8.83 -10.48
C LEU A 385 3.76 -9.54 -10.32
N THR A 386 3.67 -10.43 -9.34
CA THR A 386 2.41 -11.12 -9.05
C THR A 386 2.22 -11.14 -7.53
N ARG A 387 1.19 -11.86 -7.07
CA ARG A 387 0.85 -11.94 -5.66
C ARG A 387 -0.19 -13.04 -5.51
N ASP A 388 -0.37 -13.48 -4.28
CA ASP A 388 -1.45 -14.42 -3.97
C ASP A 388 -2.78 -13.75 -4.32
N PRO A 389 -3.63 -14.39 -5.14
CA PRO A 389 -4.88 -13.75 -5.55
C PRO A 389 -6.02 -13.88 -4.54
N THR A 390 -5.80 -14.51 -3.38
CA THR A 390 -6.87 -14.73 -2.41
C THR A 390 -7.58 -13.44 -2.04
N THR A 391 -6.84 -12.44 -1.56
CA THR A 391 -7.46 -11.22 -1.08
C THR A 391 -8.02 -10.43 -2.26
N PRO A 392 -7.30 -10.29 -3.39
CA PRO A 392 -7.95 -9.72 -4.59
C PRO A 392 -9.28 -10.37 -4.94
N LEU A 393 -9.42 -11.69 -4.78
CA LEU A 393 -10.68 -12.35 -5.15
C LEU A 393 -11.77 -12.11 -4.11
N ALA A 394 -11.38 -12.07 -2.83
CA ALA A 394 -12.35 -11.75 -1.79
C ALA A 394 -12.91 -10.35 -1.97
N ARG A 395 -12.02 -9.38 -2.23
CA ARG A 395 -12.50 -8.02 -2.45
C ARG A 395 -13.32 -7.91 -3.72
N ALA A 396 -13.02 -8.75 -4.71
CA ALA A 396 -13.83 -8.82 -5.92
C ALA A 396 -15.27 -9.22 -5.64
N ALA A 397 -15.53 -9.85 -4.48
CA ALA A 397 -16.85 -10.37 -4.14
C ALA A 397 -17.49 -9.63 -2.97
N TRP A 398 -17.01 -8.44 -2.65
CA TRP A 398 -17.66 -7.62 -1.63
C TRP A 398 -18.67 -6.72 -2.33
N GLU A 399 -19.97 -6.96 -2.11
CA GLU A 399 -21.08 -6.21 -2.70
C GLU A 399 -22.07 -5.89 -1.60
N THR A 400 -22.30 -4.61 -1.34
CA THR A 400 -23.31 -4.21 -0.38
C THR A 400 -24.17 -3.12 -1.02
N VAL A 401 -25.11 -2.55 -0.26
CA VAL A 401 -25.86 -1.43 -0.81
C VAL A 401 -24.93 -0.25 -1.06
N ARG A 402 -23.90 -0.09 -0.23
CA ARG A 402 -23.00 1.04 -0.32
C ARG A 402 -21.81 0.80 -1.24
N HIS A 403 -21.41 -0.45 -1.46
CA HIS A 403 -20.14 -0.74 -2.11
C HIS A 403 -20.31 -1.64 -3.32
N SER A 404 -19.74 -1.23 -4.44
CA SER A 404 -19.66 -2.04 -5.64
C SER A 404 -18.22 -2.46 -5.84
N PRO A 405 -17.95 -3.74 -6.15
CA PRO A 405 -16.56 -4.20 -6.25
C PRO A 405 -15.89 -3.95 -7.59
N ILE A 406 -16.51 -3.21 -8.51
CA ILE A 406 -15.99 -3.16 -9.88
C ILE A 406 -14.68 -2.38 -9.96
N ASN A 407 -14.56 -1.27 -9.20
CA ASN A 407 -13.29 -0.56 -9.16
C ASN A 407 -12.18 -1.48 -8.66
N SER A 408 -12.49 -2.31 -7.66
CA SER A 408 -11.53 -3.28 -7.16
C SER A 408 -11.04 -4.19 -8.29
N TRP A 409 -11.97 -4.74 -9.08
CA TRP A 409 -11.58 -5.54 -10.23
C TRP A 409 -10.63 -4.78 -11.14
N LEU A 410 -11.00 -3.56 -11.50
CA LEU A 410 -10.20 -2.79 -12.44
C LEU A 410 -8.82 -2.51 -11.88
N GLY A 411 -8.73 -2.14 -10.60
CA GLY A 411 -7.44 -1.91 -9.98
C GLY A 411 -6.51 -3.10 -10.10
N ASN A 412 -7.01 -4.30 -9.84
CA ASN A 412 -6.17 -5.47 -9.96
C ASN A 412 -5.82 -5.78 -11.41
N ILE A 413 -6.75 -5.54 -12.33
CA ILE A 413 -6.45 -5.75 -13.74
C ILE A 413 -5.31 -4.83 -14.17
N ILE A 414 -5.32 -3.59 -13.69
CA ILE A 414 -4.28 -2.62 -14.09
C ILE A 414 -2.95 -3.00 -13.46
N GLN A 415 -2.95 -3.29 -12.16
CA GLN A 415 -1.71 -3.51 -11.43
C GLN A 415 -1.09 -4.86 -11.75
N TYR A 416 -1.90 -5.88 -12.04
CA TYR A 416 -1.42 -7.24 -12.22
C TYR A 416 -1.82 -7.83 -13.56
N ALA A 417 -1.91 -6.97 -14.58
CA ALA A 417 -2.26 -7.41 -15.93
C ALA A 417 -1.44 -8.58 -16.48
N PRO A 418 -0.14 -8.72 -16.19
CA PRO A 418 0.57 -9.88 -16.75
C PRO A 418 0.26 -11.20 -16.08
N THR A 419 -0.45 -11.22 -14.95
CA THR A 419 -0.60 -12.46 -14.19
C THR A 419 -1.64 -13.37 -14.84
N ILE A 420 -1.52 -14.68 -14.54
CA ILE A 420 -2.46 -15.64 -15.11
C ILE A 420 -3.83 -15.49 -14.45
N TRP A 421 -3.89 -15.09 -13.18
CA TRP A 421 -5.19 -14.96 -12.53
C TRP A 421 -5.94 -13.71 -12.98
N VAL A 422 -5.24 -12.60 -13.25
CA VAL A 422 -5.92 -11.44 -13.82
C VAL A 422 -6.38 -11.76 -15.24
N ARG A 423 -5.51 -12.38 -16.04
CA ARG A 423 -5.79 -12.55 -17.46
C ARG A 423 -6.94 -13.54 -17.70
N MET A 424 -6.90 -14.69 -17.03
CA MET A 424 -7.92 -15.71 -17.24
C MET A 424 -9.17 -15.51 -16.38
N VAL A 425 -9.04 -14.95 -15.18
CA VAL A 425 -10.18 -14.89 -14.26
C VAL A 425 -10.77 -13.48 -14.22
N LEU A 426 -10.03 -12.51 -13.69
CA LEU A 426 -10.64 -11.20 -13.48
C LEU A 426 -11.00 -10.53 -14.81
N MET A 427 -10.10 -10.56 -15.78
CA MET A 427 -10.39 -9.95 -17.07
C MET A 427 -11.65 -10.56 -17.68
N THR A 428 -11.73 -11.89 -17.68
CA THR A 428 -12.91 -12.57 -18.19
C THR A 428 -14.17 -12.09 -17.47
N HIS A 429 -14.12 -12.05 -16.14
CA HIS A 429 -15.31 -11.66 -15.38
C HIS A 429 -15.67 -10.20 -15.62
N PHE A 430 -14.66 -9.32 -15.59
CA PHE A 430 -14.85 -7.88 -15.78
C PHE A 430 -15.63 -7.59 -17.07
N PHE A 431 -15.11 -8.05 -18.21
CA PHE A 431 -15.74 -7.72 -19.48
C PHE A 431 -17.09 -8.40 -19.65
N SER A 432 -17.23 -9.63 -19.17
CA SER A 432 -18.52 -10.29 -19.17
C SER A 432 -19.57 -9.46 -18.44
N ILE A 433 -19.25 -8.97 -17.23
CA ILE A 433 -20.22 -8.18 -16.49
C ILE A 433 -20.57 -6.90 -17.24
N LEU A 434 -19.54 -6.17 -17.68
CA LEU A 434 -19.79 -4.88 -18.30
C LEU A 434 -20.53 -5.03 -19.62
N MET A 435 -20.27 -6.11 -20.36
CA MET A 435 -20.98 -6.31 -21.62
C MET A 435 -22.47 -6.54 -21.36
N VAL A 436 -22.79 -7.43 -20.42
CA VAL A 436 -24.19 -7.74 -20.16
C VAL A 436 -24.93 -6.51 -19.64
N GLN A 437 -24.27 -5.73 -18.78
CA GLN A 437 -24.81 -4.45 -18.34
C GLN A 437 -24.85 -3.40 -19.44
N ASP A 438 -24.13 -3.64 -20.54
CA ASP A 438 -23.93 -2.64 -21.59
C ASP A 438 -23.36 -1.34 -21.01
N THR A 439 -22.32 -1.47 -20.20
CA THR A 439 -21.63 -0.33 -19.60
C THR A 439 -20.14 -0.37 -19.91
N LEU A 440 -19.76 -0.96 -21.05
CA LEU A 440 -18.36 -1.06 -21.43
C LEU A 440 -17.67 0.29 -21.56
N ASP A 441 -18.42 1.33 -21.94
CA ASP A 441 -17.85 2.65 -22.21
C ASP A 441 -18.09 3.64 -21.06
N GLN A 442 -18.49 3.16 -19.91
CA GLN A 442 -18.69 4.01 -18.75
C GLN A 442 -17.41 4.02 -17.91
N ASN A 443 -16.85 5.21 -17.68
CA ASN A 443 -15.58 5.30 -16.97
C ASN A 443 -15.69 4.79 -15.54
N LEU A 444 -14.61 4.19 -15.06
CA LEU A 444 -14.47 3.71 -13.69
C LEU A 444 -13.28 4.41 -13.06
N ASN A 445 -13.20 4.40 -11.75
CA ASN A 445 -12.07 5.01 -11.05
C ASN A 445 -11.01 3.97 -10.70
N PHE A 446 -9.78 4.24 -11.09
CA PHE A 446 -8.61 3.51 -10.60
C PHE A 446 -8.06 4.27 -9.41
N GLU A 447 -7.93 3.58 -8.27
CA GLU A 447 -7.49 4.17 -7.00
C GLU A 447 -6.13 3.61 -6.60
N MET A 448 -5.20 4.51 -6.30
CA MET A 448 -3.82 4.11 -6.00
C MET A 448 -3.11 5.25 -5.27
N TYR A 449 -2.63 4.96 -4.06
CA TYR A 449 -1.84 5.92 -3.26
C TYR A 449 -2.62 7.19 -2.97
N GLY A 450 -3.91 7.03 -2.71
CA GLY A 450 -4.75 8.15 -2.39
C GLY A 450 -5.25 8.97 -3.56
N SER A 451 -4.79 8.72 -4.78
CA SER A 451 -5.31 9.41 -5.95
C SER A 451 -6.37 8.56 -6.65
N VAL A 452 -7.24 9.23 -7.41
CA VAL A 452 -8.22 8.56 -8.25
C VAL A 452 -8.00 9.00 -9.69
N TYR A 453 -7.95 8.04 -10.60
CA TYR A 453 -7.77 8.30 -12.01
C TYR A 453 -8.96 7.72 -12.76
N SER A 454 -9.52 8.50 -13.68
CA SER A 454 -10.66 8.03 -14.45
C SER A 454 -10.19 7.18 -15.61
N VAL A 455 -10.77 5.99 -15.75
CA VAL A 455 -10.32 5.02 -16.74
C VAL A 455 -11.53 4.52 -17.54
N ASN A 456 -11.41 4.55 -18.82
CA ASN A 456 -12.45 3.92 -19.62
C ASN A 456 -12.06 2.47 -19.87
N PRO A 457 -12.94 1.52 -19.58
CA PRO A 457 -12.59 0.10 -19.74
C PRO A 457 -12.04 -0.24 -21.12
N LEU A 458 -12.57 0.40 -22.17
CA LEU A 458 -12.15 0.12 -23.54
C LEU A 458 -10.75 0.63 -23.85
N ASP A 459 -10.13 1.39 -22.96
CA ASP A 459 -8.74 1.80 -23.12
C ASP A 459 -7.76 0.86 -22.43
N LEU A 460 -8.24 -0.22 -21.80
CA LEU A 460 -7.32 -1.09 -21.07
C LEU A 460 -6.19 -1.61 -21.94
N PRO A 461 -6.40 -2.03 -23.20
CA PRO A 461 -5.24 -2.50 -23.99
C PRO A 461 -4.11 -1.49 -24.05
N ALA A 462 -4.41 -0.21 -24.30
CA ALA A 462 -3.35 0.79 -24.38
C ALA A 462 -2.71 1.04 -23.01
N ILE A 463 -3.54 1.14 -21.98
CA ILE A 463 -3.04 1.34 -20.62
C ILE A 463 -2.07 0.22 -20.25
N ILE A 464 -2.45 -1.03 -20.56
CA ILE A 464 -1.65 -2.16 -20.14
C ILE A 464 -0.36 -2.22 -20.93
N GLU A 465 -0.41 -1.98 -22.25
CA GLU A 465 0.83 -1.92 -23.01
C GLU A 465 1.75 -0.83 -22.47
N ARG A 466 1.18 0.33 -22.14
CA ARG A 466 1.98 1.41 -21.60
C ARG A 466 2.68 1.00 -20.30
N LEU A 467 1.94 0.31 -19.40
CA LEU A 467 2.47 -0.01 -18.09
C LEU A 467 3.38 -1.23 -18.11
N HIS A 468 3.04 -2.25 -18.90
CA HIS A 468 3.60 -3.58 -18.76
C HIS A 468 4.26 -4.10 -20.02
N GLY A 469 4.16 -3.39 -21.13
CA GLY A 469 4.63 -3.89 -22.39
C GLY A 469 3.63 -4.81 -23.06
N LEU A 470 3.83 -5.02 -24.36
CA LEU A 470 3.01 -5.96 -25.11
C LEU A 470 3.21 -7.39 -24.61
N ASP A 471 4.30 -7.67 -23.91
CA ASP A 471 4.51 -9.00 -23.36
C ASP A 471 3.36 -9.41 -22.44
N ALA A 472 2.69 -8.43 -21.83
CA ALA A 472 1.57 -8.74 -20.95
C ALA A 472 0.42 -9.45 -21.68
N PHE A 473 0.39 -9.41 -23.01
CA PHE A 473 -0.66 -10.06 -23.79
C PHE A 473 -0.22 -11.38 -24.39
N SER A 474 0.97 -11.87 -24.05
CA SER A 474 1.50 -13.04 -24.72
C SER A 474 2.28 -13.99 -23.81
N MET A 475 2.21 -13.84 -22.49
CA MET A 475 2.81 -14.81 -21.58
C MET A 475 2.15 -16.17 -21.78
N HIS A 476 2.98 -17.20 -21.94
CA HIS A 476 2.55 -18.53 -22.32
C HIS A 476 2.63 -19.55 -21.20
N THR A 477 3.80 -19.68 -20.57
CA THR A 477 4.09 -20.86 -19.74
C THR A 477 4.40 -20.40 -18.31
N TYR A 478 3.39 -20.41 -17.45
CA TYR A 478 3.59 -19.87 -16.12
C TYR A 478 4.31 -20.88 -15.22
N SER A 479 4.81 -20.38 -14.10
CA SER A 479 5.65 -21.18 -13.23
C SER A 479 4.82 -22.10 -12.35
N HIS A 480 5.49 -23.14 -11.88
CA HIS A 480 4.84 -24.10 -11.00
C HIS A 480 4.28 -23.45 -9.75
N HIS A 481 5.06 -22.56 -9.11
CA HIS A 481 4.54 -21.88 -7.94
C HIS A 481 3.28 -21.11 -8.28
N GLU A 482 3.30 -20.40 -9.40
CA GLU A 482 2.18 -19.52 -9.73
C GLU A 482 0.94 -20.33 -10.11
N LEU A 483 1.10 -21.41 -10.87
CA LEU A 483 -0.03 -22.26 -11.20
C LEU A 483 -0.61 -22.92 -9.96
N THR A 484 0.24 -23.39 -9.05
CA THR A 484 -0.24 -24.00 -7.82
C THR A 484 -1.02 -23.01 -6.98
N ARG A 485 -0.45 -21.82 -6.80
CA ARG A 485 -1.09 -20.83 -5.95
C ARG A 485 -2.43 -20.41 -6.52
N VAL A 486 -2.50 -20.20 -7.84
CA VAL A 486 -3.75 -19.69 -8.41
C VAL A 486 -4.83 -20.76 -8.37
N ALA A 487 -4.49 -22.00 -8.75
CA ALA A 487 -5.46 -23.09 -8.67
C ALA A 487 -5.95 -23.26 -7.24
N SER A 488 -5.03 -23.15 -6.27
CA SER A 488 -5.41 -23.34 -4.89
C SER A 488 -6.37 -22.27 -4.40
N ALA A 489 -6.12 -21.01 -4.76
CA ALA A 489 -6.97 -19.93 -4.30
C ALA A 489 -8.35 -19.98 -4.94
N LEU A 490 -8.43 -20.43 -6.19
CA LEU A 490 -9.74 -20.62 -6.82
C LEU A 490 -10.53 -21.74 -6.14
N ARG A 491 -9.87 -22.86 -5.78
CA ARG A 491 -10.55 -23.90 -4.99
C ARG A 491 -11.01 -23.36 -3.65
N LYS A 492 -10.15 -22.56 -3.00
CA LYS A 492 -10.44 -22.05 -1.67
C LYS A 492 -11.66 -21.14 -1.64
N LEU A 493 -11.92 -20.41 -2.73
CA LEU A 493 -13.05 -19.50 -2.79
C LEU A 493 -14.23 -20.03 -3.59
N GLY A 494 -14.17 -21.27 -4.06
CA GLY A 494 -15.29 -21.85 -4.77
C GLY A 494 -15.50 -21.26 -6.13
N ALA A 495 -14.45 -20.83 -6.77
CA ALA A 495 -14.47 -20.29 -8.10
C ALA A 495 -14.19 -21.40 -9.10
N PRO A 496 -14.62 -21.23 -10.36
CA PRO A 496 -14.33 -22.26 -11.36
C PRO A 496 -12.84 -22.40 -11.58
N PRO A 497 -12.37 -23.58 -11.99
CA PRO A 497 -10.95 -23.75 -12.28
C PRO A 497 -10.57 -23.08 -13.59
N LEU A 498 -9.25 -23.05 -13.85
CA LEU A 498 -8.75 -22.26 -14.97
C LEU A 498 -9.32 -22.75 -16.30
N ARG A 499 -9.46 -24.07 -16.46
CA ARG A 499 -10.00 -24.58 -17.73
C ARG A 499 -11.40 -24.04 -18.00
N VAL A 500 -12.22 -23.86 -16.95
CA VAL A 500 -13.55 -23.29 -17.15
C VAL A 500 -13.47 -21.83 -17.54
N TRP A 501 -12.52 -21.10 -16.96
CA TRP A 501 -12.35 -19.71 -17.34
C TRP A 501 -11.90 -19.58 -18.79
N LYS A 502 -11.12 -20.54 -19.29
CA LYS A 502 -10.72 -20.51 -20.69
C LYS A 502 -11.95 -20.57 -21.60
N SER A 503 -12.88 -21.49 -21.32
CA SER A 503 -14.11 -21.57 -22.10
C SER A 503 -14.90 -20.28 -22.01
N ARG A 504 -15.02 -19.70 -20.80
CA ARG A 504 -15.74 -18.45 -20.69
C ARG A 504 -15.07 -17.35 -21.50
N ALA A 505 -13.74 -17.32 -21.50
CA ALA A 505 -13.03 -16.23 -22.16
C ALA A 505 -13.16 -16.31 -23.68
N ARG A 506 -13.21 -17.54 -24.23
CA ARG A 506 -13.47 -17.68 -25.65
C ARG A 506 -14.79 -17.02 -26.02
N ALA A 507 -15.81 -17.19 -25.18
CA ALA A 507 -17.10 -16.57 -25.45
C ALA A 507 -17.04 -15.06 -25.27
N VAL A 508 -16.44 -14.58 -24.17
CA VAL A 508 -16.28 -13.13 -23.97
C VAL A 508 -15.52 -12.51 -25.14
N ARG A 509 -14.46 -13.18 -25.60
CA ARG A 509 -13.64 -12.67 -26.70
C ARG A 509 -14.47 -12.51 -27.97
N ALA A 510 -15.19 -13.57 -28.33
CA ALA A 510 -16.03 -13.53 -29.54
C ALA A 510 -17.06 -12.41 -29.45
N SER A 511 -17.71 -12.23 -28.29
CA SER A 511 -18.66 -11.12 -28.15
C SER A 511 -17.98 -9.77 -28.30
N LEU A 512 -16.79 -9.60 -27.73
CA LEU A 512 -16.11 -8.31 -27.82
C LEU A 512 -15.76 -7.99 -29.26
N ILE A 513 -15.23 -8.97 -29.97
CA ILE A 513 -14.82 -8.76 -31.35
C ILE A 513 -16.04 -8.41 -32.21
N SER A 514 -17.15 -9.09 -31.95
CA SER A 514 -18.36 -8.86 -32.74
C SER A 514 -18.92 -7.45 -32.54
N ARG A 515 -18.49 -6.74 -31.51
CA ARG A 515 -18.93 -5.35 -31.33
C ARG A 515 -18.07 -4.35 -32.10
N GLY A 516 -16.94 -4.79 -32.68
CA GLY A 516 -16.06 -3.91 -33.42
C GLY A 516 -15.48 -2.77 -32.61
N GLY A 517 -14.67 -1.93 -33.24
CA GLY A 517 -14.24 -0.74 -32.52
C GLY A 517 -13.29 -1.08 -31.40
N LYS A 518 -13.33 -0.26 -30.34
CA LYS A 518 -12.42 -0.48 -29.22
C LYS A 518 -12.68 -1.81 -28.55
N ALA A 519 -13.96 -2.21 -28.42
CA ALA A 519 -14.29 -3.48 -27.80
C ALA A 519 -13.59 -4.64 -28.49
N ALA A 520 -13.55 -4.60 -29.82
CA ALA A 520 -12.88 -5.66 -30.57
C ALA A 520 -11.38 -5.67 -30.30
N VAL A 521 -10.79 -4.49 -30.06
CA VAL A 521 -9.38 -4.44 -29.70
C VAL A 521 -9.17 -5.10 -28.35
N CYS A 522 -10.09 -4.88 -27.41
CA CYS A 522 -10.02 -5.56 -26.11
C CYS A 522 -10.06 -7.06 -26.29
N GLY A 523 -10.99 -7.55 -27.11
CA GLY A 523 -11.07 -8.97 -27.36
C GLY A 523 -9.78 -9.54 -27.93
N ARG A 524 -9.22 -8.86 -28.94
CA ARG A 524 -8.06 -9.39 -29.63
C ARG A 524 -6.80 -9.31 -28.77
N TYR A 525 -6.63 -8.22 -28.02
CA TYR A 525 -5.38 -8.06 -27.27
C TYR A 525 -5.45 -8.79 -25.93
N LEU A 526 -6.53 -8.57 -25.17
CA LEU A 526 -6.61 -9.11 -23.81
C LEU A 526 -6.90 -10.60 -23.77
N PHE A 527 -7.49 -11.16 -24.82
CA PHE A 527 -7.88 -12.57 -24.78
C PHE A 527 -7.21 -13.40 -25.87
N ASN A 528 -6.06 -12.93 -26.37
CA ASN A 528 -5.27 -13.72 -27.32
C ASN A 528 -4.81 -15.04 -26.71
N TRP A 529 -4.67 -15.09 -25.37
CA TRP A 529 -4.27 -16.33 -24.73
C TRP A 529 -5.34 -17.42 -24.86
N ALA A 530 -6.58 -17.06 -25.19
CA ALA A 530 -7.69 -17.99 -25.11
C ALA A 530 -7.90 -18.82 -26.38
N VAL A 531 -7.43 -18.36 -27.55
CA VAL A 531 -7.69 -19.03 -28.81
C VAL A 531 -6.48 -19.82 -29.26
N LYS A 532 -6.74 -20.92 -29.98
CA LYS A 532 -5.65 -21.79 -30.43
C LYS A 532 -4.75 -21.08 -31.42
N THR A 533 -5.33 -20.38 -32.38
CA THR A 533 -4.57 -19.70 -33.44
C THR A 533 -4.33 -18.25 -33.03
N LYS A 534 -3.14 -17.95 -32.55
CA LYS A 534 -2.86 -16.64 -31.96
C LYS A 534 -2.76 -15.57 -33.04
N LEU A 535 -3.38 -14.42 -32.80
CA LEU A 535 -3.16 -13.26 -33.65
C LEU A 535 -1.81 -12.62 -33.32
N LYS A 536 -1.23 -11.96 -34.32
CA LYS A 536 0.03 -11.24 -34.12
C LYS A 536 -0.27 -9.83 -33.65
N LEU A 537 -0.02 -9.56 -32.37
CA LEU A 537 -0.33 -8.27 -31.79
C LEU A 537 0.82 -7.31 -32.03
N THR A 538 0.48 -6.07 -32.35
CA THR A 538 1.44 -5.04 -32.70
C THR A 538 1.28 -3.85 -31.77
N PRO A 539 2.29 -2.99 -31.65
CA PRO A 539 2.17 -1.85 -30.74
C PRO A 539 0.96 -0.98 -31.05
N LEU A 540 0.27 -0.56 -30.00
CA LEU A 540 -0.90 0.29 -30.15
C LEU A 540 -0.47 1.75 -30.14
N PRO A 541 -0.76 2.52 -31.18
CA PRO A 541 -0.32 3.93 -31.21
C PRO A 541 -0.79 4.74 -30.02
N GLU A 542 -1.97 4.45 -29.48
CA GLU A 542 -2.54 5.23 -28.40
C GLU A 542 -1.71 5.12 -27.13
N ALA A 543 -1.00 3.99 -26.96
CA ALA A 543 -0.21 3.79 -25.76
C ALA A 543 0.94 4.78 -25.66
N ARG A 544 1.50 5.21 -26.81
CA ARG A 544 2.57 6.19 -26.82
C ARG A 544 2.15 7.53 -26.23
N LEU A 545 0.87 7.87 -26.33
CA LEU A 545 0.34 9.16 -25.90
C LEU A 545 -0.21 9.15 -24.48
N LEU A 546 0.11 8.11 -23.71
CA LEU A 546 -0.35 8.00 -22.32
C LEU A 546 0.76 8.42 -21.38
N ASP A 547 0.44 9.33 -20.47
CA ASP A 547 1.34 9.68 -19.38
C ASP A 547 0.73 9.11 -18.10
N LEU A 548 1.10 7.86 -17.80
CA LEU A 548 0.68 7.20 -16.58
C LEU A 548 1.71 7.36 -15.46
N SER A 549 2.61 8.32 -15.59
CA SER A 549 3.78 8.42 -14.72
C SER A 549 3.42 8.69 -13.27
N SER A 550 2.27 9.29 -12.98
CA SER A 550 1.92 9.56 -11.59
C SER A 550 1.11 8.44 -10.96
N TRP A 551 0.75 7.40 -11.74
CA TRP A 551 -0.13 6.35 -11.22
C TRP A 551 0.51 5.61 -10.06
N PHE A 552 1.81 5.33 -10.14
CA PHE A 552 2.50 4.56 -9.12
C PHE A 552 3.58 5.38 -8.44
N THR A 553 3.32 6.67 -8.24
CA THR A 553 4.18 7.52 -7.41
C THR A 553 3.31 8.20 -6.38
N VAL A 554 3.96 8.85 -5.42
CA VAL A 554 3.26 9.56 -4.37
C VAL A 554 3.28 11.08 -4.59
O3P C5P C . 2.42 -4.25 7.45
P C5P C . 1.51 -3.31 6.67
O1P C5P C . 0.09 -3.88 6.52
O5' C5P C . 1.30 -2.09 7.83
C5' C5P C . 2.47 -1.49 8.34
C4' C5P C . 2.11 -0.11 8.75
O4' C5P C . 1.49 0.58 7.65
C3' C5P C . 1.04 -0.14 9.85
O3' C5P C . 1.63 -0.47 11.11
C2' C5P C . 0.42 1.27 9.67
O2' C5P C . 1.17 2.30 10.29
C1' C5P C . 0.47 1.43 8.13
N1 C5P C . -0.81 1.15 7.50
C2 C5P C . -1.73 2.20 7.36
N3 C5P C . -2.94 1.92 6.80
C4 C5P C . -3.26 0.69 6.41
C5 C5P C . -2.33 -0.41 6.55
C6 C5P C . -1.14 -0.11 7.11
O2 C5P C . -1.39 3.32 7.74
N4 C5P C . -4.46 0.48 5.87
MN MN D . 3.84 -4.96 9.35
MN MN E . 4.07 -5.04 5.92
PA FAD F . -1.28 -4.86 2.24
O1A FAD F . -0.78 -6.07 3.01
O2A FAD F . -2.70 -4.40 2.28
O5B FAD F . -0.32 -3.63 2.70
C5B FAD F . 1.06 -3.71 2.42
C4B FAD F . 1.76 -2.48 3.02
O4B FAD F . 1.42 -1.34 2.22
C3B FAD F . 1.36 -2.15 4.46
O3B FAD F . 2.21 -2.79 5.38
C2B FAD F . 1.53 -0.61 4.46
O2B FAD F . 2.76 -0.17 4.95
C1B FAD F . 1.22 -0.21 3.01
N9A FAD F . -0.15 0.23 2.97
C8A FAD F . -1.26 -0.52 2.63
N7A FAD F . -2.38 0.14 2.71
C5A FAD F . -2.00 1.39 3.13
C6A FAD F . -2.74 2.56 3.41
N6A FAD F . -4.07 2.59 3.28
N1A FAD F . -2.05 3.65 3.81
C2A FAD F . -0.72 3.59 3.93
N3A FAD F . 0.07 2.55 3.71
C4A FAD F . -0.62 1.47 3.31
N1 FAD F . -5.95 3.50 0.11
C2 FAD F . -7.09 4.22 0.26
O2 FAD F . -8.20 3.74 0.15
N3 FAD F . -7.01 5.58 0.57
C4 FAD F . -5.87 6.30 0.74
O4 FAD F . -5.86 7.48 1.01
C4X FAD F . -4.62 5.48 0.57
N5 FAD F . -3.48 6.07 0.70
C5X FAD F . -2.34 5.34 0.54
C6 FAD F . -1.08 5.99 0.70
C7 FAD F . 0.10 5.31 0.56
C7M FAD F . 1.42 5.99 0.72
C8 FAD F . 0.04 3.91 0.26
C8M FAD F . 1.29 3.13 0.09
C9 FAD F . -1.16 3.27 0.11
C9A FAD F . -2.40 3.94 0.24
N10 FAD F . -3.64 3.34 0.10
C10 FAD F . -4.78 4.08 0.26
C1' FAD F . -3.80 1.92 -0.24
C2' FAD F . -3.33 1.60 -1.68
O2' FAD F . -3.95 2.39 -2.66
C3' FAD F . -3.44 0.08 -1.96
O3' FAD F . -4.75 -0.35 -1.65
C4' FAD F . -2.41 -0.68 -1.11
O4' FAD F . -1.13 -0.13 -1.37
C5' FAD F . -2.49 -2.15 -1.45
O5' FAD F . -1.77 -2.88 -0.49
P FAD F . -1.63 -4.49 -0.71
O1P FAD F . -3.05 -5.00 -0.74
O2P FAD F . -0.60 -4.71 -1.78
O3P FAD F . -0.87 -5.01 0.66
#